data_3NF0
#
_entry.id   3NF0
#
_cell.length_a   38.270
_cell.length_b   61.300
_cell.length_c   94.240
_cell.angle_alpha   90.00
_cell.angle_beta   90.00
_cell.angle_gamma   90.00
#
_symmetry.space_group_name_H-M   'P 2 21 21'
#
loop_
_entity.id
_entity.type
_entity.pdbx_description
1 polymer 'Fluorescent protein plum'
2 non-polymer D-MALATE
3 water water
#
_entity_poly.entity_id   1
_entity_poly.type   'polypeptide(L)'
_entity_poly.pdbx_seq_one_letter_code
;MGHHHHHHGVSKGEEVIKEFMRFKEHMEGSVNGHEFEIEGEGEGRPYEGTQTARLKVTKGGPLPFAWDILSPQI(CH6)S
KAYVKHPADIPDYLKLSFPEGFKWERVMNFEDGGVVTVTQDSSLQDGEFIYKVKVRGTNFPSDGPVMQKKTMGWEASSER
MYPEDGALKGEMKMRLRLKDGGHYDAEVKTTYMAKKPVQLPGAYKTDTKLDITSHNEDYTIVEQYERNEGRHSTGA
;
_entity_poly.pdbx_strand_id   A
#
# COMPACT_ATOMS: atom_id res chain seq x y z
N GLU A 15 -0.02 11.92 -23.13
CA GLU A 15 0.32 11.48 -21.72
C GLU A 15 -0.94 11.33 -20.87
N VAL A 16 -1.17 10.14 -20.34
CA VAL A 16 -2.44 9.89 -19.65
C VAL A 16 -2.35 10.24 -18.19
N ILE A 17 -1.11 10.23 -17.67
CA ILE A 17 -0.76 10.60 -16.30
C ILE A 17 -0.30 12.05 -16.11
N LYS A 18 -1.28 12.83 -15.73
CA LYS A 18 -1.18 14.25 -15.39
C LYS A 18 -0.38 14.58 -14.11
N GLU A 19 0.05 15.82 -13.95
CA GLU A 19 0.84 16.19 -12.75
C GLU A 19 -0.11 16.15 -11.56
N PHE A 20 -1.43 16.26 -11.79
CA PHE A 20 -2.43 15.95 -10.72
C PHE A 20 -3.30 14.82 -11.20
N MET A 21 -3.47 13.81 -10.31
CA MET A 21 -4.26 12.58 -10.57
C MET A 21 -5.16 12.17 -9.39
N ARG A 22 -6.45 11.94 -9.60
CA ARG A 22 -7.24 11.32 -8.56
C ARG A 22 -7.27 9.82 -8.75
N PHE A 23 -7.79 9.14 -7.72
CA PHE A 23 -7.98 7.64 -7.73
C PHE A 23 -9.09 7.27 -6.89
N LYS A 24 -9.66 6.13 -7.20
CA LYS A 24 -10.70 5.61 -6.34
C LYS A 24 -10.38 4.20 -6.06
N GLU A 25 -10.85 3.73 -4.93
CA GLU A 25 -10.45 2.42 -4.47
C GLU A 25 -11.59 1.65 -3.86
N HIS A 26 -11.75 0.41 -4.30
CA HIS A 26 -12.63 -0.56 -3.68
C HIS A 26 -11.83 -1.72 -3.12
N MET A 27 -12.03 -2.01 -1.86
CA MET A 27 -11.32 -3.08 -1.17
C MET A 27 -12.30 -3.98 -0.53
N GLU A 28 -12.10 -5.30 -0.68
CA GLU A 28 -12.83 -6.25 0.16
C GLU A 28 -11.89 -7.19 0.79
N GLY A 29 -12.28 -7.68 1.94
CA GLY A 29 -11.41 -8.64 2.58
C GLY A 29 -11.99 -9.25 3.81
N SER A 30 -11.09 -9.81 4.59
CA SER A 30 -11.41 -10.44 5.84
C SER A 30 -10.11 -10.71 6.57
N VAL A 31 -10.17 -10.56 7.88
CA VAL A 31 -9.01 -10.69 8.75
C VAL A 31 -9.57 -11.55 9.91
N ASN A 32 -8.96 -12.71 10.11
CA ASN A 32 -9.48 -13.69 11.10
C ASN A 32 -10.97 -13.89 10.99
N GLY A 33 -11.43 -14.01 9.75
CA GLY A 33 -12.82 -14.30 9.45
C GLY A 33 -13.81 -13.13 9.50
N HIS A 34 -13.34 -11.95 9.87
CA HIS A 34 -14.18 -10.81 9.89
C HIS A 34 -14.18 -10.20 8.55
N GLU A 35 -15.31 -10.25 7.83
CA GLU A 35 -15.37 -9.70 6.49
C GLU A 35 -15.60 -8.20 6.53
N PHE A 36 -15.13 -7.49 5.51
CA PHE A 36 -15.33 -6.04 5.42
C PHE A 36 -15.21 -5.53 3.97
N GLU A 37 -15.69 -4.30 3.79
CA GLU A 37 -15.48 -3.59 2.55
C GLU A 37 -15.04 -2.19 2.89
N ILE A 38 -14.25 -1.59 2.02
CA ILE A 38 -13.81 -0.22 2.24
C ILE A 38 -13.80 0.45 0.89
N GLU A 39 -14.16 1.73 0.86
CA GLU A 39 -14.01 2.45 -0.39
C GLU A 39 -13.28 3.74 -0.14
N GLY A 40 -12.61 4.24 -1.14
CA GLY A 40 -11.84 5.43 -0.90
C GLY A 40 -11.78 6.29 -2.14
N GLU A 41 -11.46 7.55 -1.94
CA GLU A 41 -11.23 8.45 -3.05
C GLU A 41 -10.03 9.25 -2.63
N GLY A 42 -9.11 9.49 -3.57
CA GLY A 42 -7.81 10.10 -3.21
C GLY A 42 -7.33 11.02 -4.34
N GLU A 43 -6.21 11.71 -4.11
CA GLU A 43 -5.63 12.69 -5.09
C GLU A 43 -4.15 12.87 -4.78
N GLY A 44 -3.30 13.26 -5.76
CA GLY A 44 -1.90 13.30 -5.48
C GLY A 44 -1.13 13.80 -6.68
N ARG A 45 0.21 13.79 -6.56
CA ARG A 45 0.97 14.44 -7.61
C ARG A 45 1.90 13.35 -8.06
N PRO A 46 1.55 12.62 -9.11
CA PRO A 46 2.24 11.35 -9.39
C PRO A 46 3.85 11.49 -9.47
N TYR A 47 4.30 12.65 -10.04
CA TYR A 47 5.72 12.94 -10.36
C TYR A 47 6.47 13.57 -9.21
N GLU A 48 5.69 14.04 -8.25
CA GLU A 48 6.17 14.62 -7.02
C GLU A 48 6.25 13.54 -5.94
N GLY A 49 5.49 12.43 -6.04
CA GLY A 49 5.74 11.35 -5.03
C GLY A 49 4.66 11.49 -3.91
N THR A 50 3.54 12.25 -4.17
CA THR A 50 2.58 12.62 -3.05
C THR A 50 1.20 12.34 -3.21
N GLN A 51 0.57 11.90 -2.12
CA GLN A 51 -0.84 11.69 -2.19
C GLN A 51 -1.58 11.69 -0.89
N THR A 52 -2.88 11.88 -1.00
CA THR A 52 -3.77 11.75 0.18
C THR A 52 -5.05 11.04 -0.19
N ALA A 53 -5.70 10.37 0.76
CA ALA A 53 -6.98 9.80 0.48
C ALA A 53 -7.92 9.83 1.70
N ARG A 54 -9.20 9.73 1.41
CA ARG A 54 -10.27 9.54 2.36
C ARG A 54 -10.89 8.15 2.14
N LEU A 55 -11.00 7.38 3.23
CA LEU A 55 -11.45 5.98 3.22
C LEU A 55 -12.57 5.77 4.19
N LYS A 56 -13.52 4.98 3.82
CA LYS A 56 -14.38 4.52 4.83
C LYS A 56 -14.85 3.11 4.75
N VAL A 57 -15.20 2.62 5.92
CA VAL A 57 -15.56 1.24 6.06
C VAL A 57 -17.01 1.15 5.73
N THR A 58 -17.30 0.55 4.58
CA THR A 58 -18.66 0.53 4.08
C THR A 58 -19.43 -0.75 4.44
N LYS A 59 -18.71 -1.85 4.71
CA LYS A 59 -19.31 -3.03 5.32
C LYS A 59 -18.35 -3.58 6.40
N GLY A 60 -18.94 -4.01 7.52
CA GLY A 60 -18.24 -4.80 8.55
C GLY A 60 -17.61 -3.86 9.56
N GLY A 61 -18.03 -2.59 9.51
CA GLY A 61 -17.50 -1.57 10.40
C GLY A 61 -18.22 -1.51 11.75
N PRO A 62 -17.54 -1.08 12.81
CA PRO A 62 -16.11 -0.84 13.06
C PRO A 62 -15.33 -2.10 12.90
N LEU A 63 -14.15 -2.06 12.30
CA LEU A 63 -13.24 -3.19 12.25
C LEU A 63 -12.73 -3.65 13.62
N PRO A 64 -12.80 -4.96 13.88
CA PRO A 64 -12.25 -5.68 15.05
C PRO A 64 -10.75 -5.57 15.23
N PHE A 65 -10.05 -4.90 14.31
CA PHE A 65 -8.61 -5.04 14.28
C PHE A 65 -7.98 -3.68 13.90
N ALA A 66 -6.67 -3.53 14.10
CA ALA A 66 -6.03 -2.26 13.77
C ALA A 66 -6.22 -1.85 12.29
N TRP A 67 -6.41 -0.56 12.10
CA TRP A 67 -6.47 -0.05 10.75
C TRP A 67 -5.07 -0.21 10.12
N ASP A 68 -4.03 -0.13 10.94
CA ASP A 68 -2.69 -0.14 10.43
C ASP A 68 -2.36 -1.32 9.49
N ILE A 69 -2.92 -2.50 9.70
CA ILE A 69 -2.52 -3.61 8.81
C ILE A 69 -3.10 -3.41 7.42
N LEU A 70 -4.07 -2.50 7.34
CA LEU A 70 -4.75 -2.25 6.07
C LEU A 70 -4.07 -1.09 5.24
N SER A 71 -3.56 -0.11 5.98
CA SER A 71 -3.08 1.15 5.42
C SER A 71 -2.08 0.92 4.23
N PRO A 72 -1.08 0.05 4.39
CA PRO A 72 -0.13 -0.18 3.31
C PRO A 72 -0.80 -0.86 2.10
N GLN A 73 -2.01 -1.42 2.23
CA GLN A 73 -2.61 -2.11 1.10
C GLN A 73 -3.56 -1.17 0.54
N ILE A 74 -3.89 0.03 1.04
CA ILE A 74 -4.81 0.94 0.38
C ILE A 74 -3.91 1.81 -0.36
N SER A 76 -0.42 2.25 -3.61
CA SER A 76 -0.80 3.12 -4.73
C SER A 76 0.53 3.63 -5.39
N LYS A 77 1.14 2.74 -6.15
CA LYS A 77 2.55 3.03 -6.60
CA LYS A 77 2.49 2.91 -6.67
C LYS A 77 2.69 3.76 -7.92
N ALA A 78 1.60 4.23 -8.44
CA ALA A 78 1.68 5.18 -9.57
C ALA A 78 2.15 6.57 -9.07
N TYR A 79 2.23 6.83 -7.75
CA TYR A 79 2.61 8.12 -7.25
C TYR A 79 3.96 8.04 -6.63
N VAL A 80 4.92 7.51 -7.33
CA VAL A 80 6.23 7.34 -6.72
C VAL A 80 7.16 8.29 -7.54
N LYS A 81 7.92 9.11 -6.84
CA LYS A 81 8.70 10.09 -7.59
C LYS A 81 9.97 9.41 -8.12
N HIS A 82 10.28 9.50 -9.46
CA HIS A 82 11.50 8.81 -9.95
C HIS A 82 12.45 9.76 -10.56
N PRO A 83 13.71 9.53 -10.34
CA PRO A 83 14.62 10.30 -11.21
C PRO A 83 14.52 9.97 -12.67
N ALA A 84 15.10 10.82 -13.49
CA ALA A 84 14.84 10.70 -14.93
C ALA A 84 15.47 9.44 -15.46
N ASP A 85 16.57 9.01 -14.86
CA ASP A 85 17.16 7.83 -15.45
C ASP A 85 16.77 6.46 -14.84
N ILE A 86 15.76 6.45 -13.99
CA ILE A 86 15.22 5.17 -13.53
C ILE A 86 13.90 5.01 -14.19
N PRO A 87 13.79 4.01 -15.05
CA PRO A 87 12.43 4.02 -15.70
C PRO A 87 11.23 3.89 -14.70
N ASP A 88 10.08 4.56 -14.95
CA ASP A 88 9.03 4.49 -13.92
C ASP A 88 8.12 3.43 -14.39
N TYR A 89 8.49 2.17 -14.21
CA TYR A 89 7.73 1.02 -14.82
C TYR A 89 6.29 1.11 -14.57
N LEU A 90 5.90 1.45 -13.34
CA LEU A 90 4.46 1.43 -13.01
C LEU A 90 3.72 2.58 -13.61
N LYS A 91 4.34 3.73 -13.84
CA LYS A 91 3.54 4.74 -14.63
C LYS A 91 3.44 4.42 -16.16
N LEU A 92 4.54 3.94 -16.72
CA LEU A 92 4.67 3.48 -18.13
C LEU A 92 3.59 2.42 -18.46
N SER A 93 3.13 1.70 -17.39
CA SER A 93 2.14 0.62 -17.53
C SER A 93 0.75 1.15 -17.92
N PHE A 94 0.43 2.45 -17.66
CA PHE A 94 -0.92 3.04 -18.07
C PHE A 94 -0.97 3.36 -19.53
N PRO A 95 -2.24 3.45 -20.08
CA PRO A 95 -3.48 3.41 -19.30
C PRO A 95 -4.03 2.02 -18.83
N GLU A 96 -3.51 0.95 -19.42
CA GLU A 96 -4.03 -0.37 -19.07
C GLU A 96 -3.81 -0.63 -17.59
N GLY A 97 -2.60 -0.35 -17.12
CA GLY A 97 -2.36 -0.55 -15.70
C GLY A 97 -1.37 -1.65 -15.30
N PHE A 98 -1.43 -2.03 -14.03
CA PHE A 98 -0.64 -3.11 -13.52
C PHE A 98 -1.44 -3.85 -12.42
N LYS A 99 -0.91 -4.96 -11.98
CA LYS A 99 -1.50 -5.78 -10.85
C LYS A 99 -0.38 -6.07 -9.92
N TRP A 100 -0.66 -6.38 -8.64
CA TRP A 100 0.43 -6.82 -7.73
C TRP A 100 -0.11 -7.83 -6.65
N GLU A 101 0.77 -8.63 -6.08
CA GLU A 101 0.37 -9.70 -5.13
C GLU A 101 1.38 -9.52 -4.07
N ARG A 102 0.91 -9.43 -2.85
CA ARG A 102 1.82 -9.27 -1.72
C ARG A 102 1.61 -10.28 -0.63
N VAL A 103 2.68 -10.55 0.08
CA VAL A 103 2.56 -11.34 1.29
C VAL A 103 3.27 -10.60 2.43
N MET A 104 2.59 -10.34 3.58
CA MET A 104 3.26 -9.82 4.76
C MET A 104 3.20 -10.82 5.83
N ASN A 105 4.38 -11.09 6.39
CA ASN A 105 4.55 -12.04 7.46
C ASN A 105 4.89 -11.30 8.74
N PHE A 106 3.98 -11.29 9.70
CA PHE A 106 4.24 -10.63 10.96
C PHE A 106 4.88 -11.54 11.94
N GLU A 107 5.74 -10.95 12.75
CA GLU A 107 6.49 -11.66 13.76
C GLU A 107 5.67 -12.54 14.75
N ASP A 108 4.39 -12.24 15.00
CA ASP A 108 3.59 -13.09 15.91
C ASP A 108 2.75 -14.14 15.17
N GLY A 109 2.96 -14.31 13.86
CA GLY A 109 2.39 -15.43 13.11
C GLY A 109 1.26 -15.02 12.18
N GLY A 110 0.79 -13.79 12.32
CA GLY A 110 -0.24 -13.29 11.46
C GLY A 110 0.38 -13.09 10.07
N VAL A 111 -0.48 -13.22 9.10
CA VAL A 111 -0.06 -13.07 7.70
C VAL A 111 -1.16 -12.29 7.01
N VAL A 112 -0.78 -11.44 6.08
CA VAL A 112 -1.74 -10.71 5.33
C VAL A 112 -1.34 -11.02 3.88
N THR A 113 -2.30 -11.37 3.01
CA THR A 113 -1.99 -11.52 1.62
C THR A 113 -2.88 -10.61 0.88
N VAL A 114 -2.39 -10.12 -0.24
CA VAL A 114 -3.19 -9.14 -1.02
C VAL A 114 -3.01 -9.35 -2.51
N THR A 115 -4.11 -9.19 -3.27
CA THR A 115 -4.04 -9.09 -4.70
C THR A 115 -4.76 -7.80 -5.11
N GLN A 116 -4.26 -7.13 -6.14
N GLN A 116 -4.26 -7.13 -6.14
CA GLN A 116 -4.68 -5.79 -6.51
CA GLN A 116 -4.71 -5.83 -6.50
C GLN A 116 -4.55 -5.61 -8.00
C GLN A 116 -4.56 -5.61 -7.99
N ASP A 117 -5.61 -5.05 -8.59
CA ASP A 117 -5.59 -4.52 -9.96
C ASP A 117 -5.57 -3.00 -9.87
N SER A 118 -4.80 -2.35 -10.72
CA SER A 118 -4.83 -0.87 -10.90
CA SER A 118 -4.90 -0.86 -10.95
C SER A 118 -5.00 -0.52 -12.33
C SER A 118 -5.14 0.09 -12.06
N SER A 119 -5.98 0.28 -12.71
N SER A 119 -6.12 -0.18 -12.95
CA SER A 119 -6.08 0.67 -14.12
C SER A 119 -6.48 2.20 -14.09
C SER A 119 -6.22 2.06 -14.57
N LEU A 120 -7.02 2.65 -15.21
N LEU A 120 -7.33 2.78 -14.80
CA LEU A 120 -7.27 4.05 -15.42
C LEU A 120 -8.59 4.13 -16.16
N GLN A 121 -9.55 4.82 -15.61
CA GLN A 121 -10.81 5.04 -16.30
C GLN A 121 -11.18 6.49 -16.03
N ASP A 122 -11.80 7.13 -17.03
CA ASP A 122 -12.26 8.51 -16.83
C ASP A 122 -11.26 9.46 -16.21
N GLY A 123 -9.98 9.26 -16.55
CA GLY A 123 -8.93 10.17 -16.17
C GLY A 123 -8.42 9.89 -14.76
N GLU A 124 -8.84 8.77 -14.13
CA GLU A 124 -8.63 8.60 -12.72
C GLU A 124 -8.06 7.19 -12.53
N PHE A 125 -7.10 7.01 -11.63
CA PHE A 125 -6.74 5.62 -11.31
C PHE A 125 -7.81 4.86 -10.51
N ILE A 126 -7.94 3.57 -10.84
CA ILE A 126 -9.02 2.77 -10.20
C ILE A 126 -8.35 1.58 -9.59
N TYR A 127 -8.44 1.43 -8.26
CA TYR A 127 -7.75 0.31 -7.57
C TYR A 127 -8.79 -0.64 -7.06
N LYS A 128 -8.51 -1.95 -7.26
CA LYS A 128 -9.47 -2.97 -6.80
C LYS A 128 -8.62 -3.92 -6.01
N VAL A 129 -8.93 -4.15 -4.71
CA VAL A 129 -8.00 -4.78 -3.79
C VAL A 129 -8.72 -5.92 -3.01
N LYS A 130 -8.10 -7.10 -2.91
CA LYS A 130 -8.62 -8.19 -2.07
C LYS A 130 -7.55 -8.48 -1.04
N VAL A 131 -7.90 -8.40 0.25
CA VAL A 131 -6.99 -8.62 1.37
C VAL A 131 -7.49 -9.75 2.24
N ARG A 132 -6.59 -10.59 2.70
CA ARG A 132 -6.95 -11.65 3.62
C ARG A 132 -5.92 -11.67 4.75
N GLY A 133 -6.37 -11.42 5.99
CA GLY A 133 -5.49 -11.57 7.11
C GLY A 133 -5.91 -12.84 7.83
N THR A 134 -4.93 -13.55 8.35
CA THR A 134 -5.23 -14.81 9.00
C THR A 134 -4.17 -15.12 10.03
N ASN A 135 -4.58 -15.84 11.07
CA ASN A 135 -3.68 -16.33 12.10
C ASN A 135 -3.12 -15.24 12.98
N PHE A 136 -3.81 -14.12 13.05
CA PHE A 136 -3.52 -13.15 14.10
C PHE A 136 -4.02 -13.59 15.46
N PRO A 137 -3.14 -13.51 16.47
CA PRO A 137 -3.57 -13.92 17.81
C PRO A 137 -4.71 -13.06 18.32
N SER A 138 -5.69 -13.66 18.97
CA SER A 138 -6.84 -12.95 19.50
C SER A 138 -6.35 -11.90 20.46
N ASP A 139 -5.24 -12.21 21.10
CA ASP A 139 -4.68 -11.31 22.09
C ASP A 139 -3.53 -10.49 21.59
N GLY A 140 -3.35 -10.40 20.26
CA GLY A 140 -2.19 -9.71 19.73
C GLY A 140 -2.39 -8.20 19.52
N PRO A 141 -1.33 -7.47 19.13
CA PRO A 141 -1.51 -6.01 18.99
C PRO A 141 -2.44 -5.63 17.82
N VAL A 142 -2.60 -6.51 16.85
CA VAL A 142 -3.49 -6.20 15.71
C VAL A 142 -4.97 -6.34 16.15
N MET A 143 -5.32 -7.47 16.79
CA MET A 143 -6.73 -7.74 17.15
C MET A 143 -7.18 -6.95 18.38
N GLN A 144 -6.21 -6.54 19.20
CA GLN A 144 -6.50 -5.69 20.36
C GLN A 144 -6.41 -4.19 19.96
N LYS A 145 -6.24 -3.89 18.67
CA LYS A 145 -6.11 -2.52 18.22
C LYS A 145 -5.13 -1.71 19.06
N LYS A 146 -3.90 -2.19 19.19
CA LYS A 146 -2.88 -1.46 19.95
C LYS A 146 -1.68 -0.91 19.12
N THR A 147 -1.89 -0.54 17.87
CA THR A 147 -0.76 -0.12 17.08
C THR A 147 -0.86 1.41 16.89
N MET A 148 0.21 2.02 16.40
CA MET A 148 0.33 3.47 16.29
C MET A 148 1.01 3.92 15.01
N GLY A 149 0.89 3.17 13.92
CA GLY A 149 1.33 3.65 12.63
C GLY A 149 2.70 3.17 12.28
N TRP A 150 3.04 3.23 11.01
CA TRP A 150 4.26 2.66 10.48
C TRP A 150 5.43 3.63 10.50
N GLU A 151 6.63 3.17 10.89
CA GLU A 151 7.82 3.97 10.66
C GLU A 151 8.16 3.99 9.15
N ALA A 152 8.81 5.05 8.69
CA ALA A 152 9.26 5.08 7.32
C ALA A 152 10.08 3.84 6.93
N SER A 153 9.96 3.45 5.67
CA SER A 153 10.70 2.24 5.25
C SER A 153 11.30 2.43 3.87
N SER A 154 12.10 1.48 3.42
CA SER A 154 12.64 1.57 2.09
C SER A 154 12.48 0.18 1.51
N GLU A 155 11.86 0.16 0.30
CA GLU A 155 11.54 -1.08 -0.35
C GLU A 155 12.63 -1.34 -1.38
N ARG A 156 13.28 -2.50 -1.36
CA ARG A 156 14.31 -2.76 -2.39
C ARG A 156 13.52 -3.24 -3.62
N MET A 157 13.62 -2.50 -4.74
CA MET A 157 12.94 -2.79 -6.03
C MET A 157 14.01 -3.40 -6.92
N TYR A 158 13.61 -4.46 -7.61
CA TYR A 158 14.51 -5.23 -8.46
C TYR A 158 13.69 -6.07 -9.43
N PRO A 159 14.13 -6.13 -10.70
CA PRO A 159 13.41 -6.85 -11.75
C PRO A 159 13.69 -8.33 -11.55
N GLU A 160 12.68 -9.20 -11.63
CA GLU A 160 12.99 -10.62 -11.50
C GLU A 160 11.88 -11.37 -12.14
N ASP A 161 12.30 -12.40 -12.91
CA ASP A 161 11.37 -13.21 -13.74
C ASP A 161 10.37 -12.39 -14.54
N GLY A 162 10.83 -11.28 -15.14
CA GLY A 162 9.94 -10.46 -16.01
C GLY A 162 8.97 -9.52 -15.29
N ALA A 163 9.12 -9.38 -14.00
CA ALA A 163 8.29 -8.53 -13.12
C ALA A 163 9.19 -7.62 -12.25
N LEU A 164 8.55 -6.62 -11.66
CA LEU A 164 9.18 -5.80 -10.63
C LEU A 164 8.76 -6.30 -9.25
N LYS A 165 9.80 -6.66 -8.47
CA LYS A 165 9.58 -7.15 -7.13
C LYS A 165 10.08 -6.11 -6.08
N GLY A 166 9.51 -6.07 -4.88
CA GLY A 166 10.07 -5.25 -3.77
C GLY A 166 10.04 -6.08 -2.54
N GLU A 167 11.05 -5.87 -1.75
CA GLU A 167 11.02 -6.40 -0.47
C GLU A 167 11.42 -5.38 0.58
N MET A 168 10.87 -5.54 1.76
CA MET A 168 11.17 -4.56 2.82
C MET A 168 10.79 -5.14 4.18
N LYS A 169 11.48 -4.65 5.20
CA LYS A 169 11.06 -4.85 6.58
C LYS A 169 10.26 -3.62 6.92
N MET A 170 9.02 -3.81 7.38
CA MET A 170 8.12 -2.73 7.79
C MET A 170 7.87 -2.84 9.30
N ARG A 171 7.83 -1.71 9.97
CA ARG A 171 7.79 -1.68 11.44
C ARG A 171 6.63 -0.89 12.01
N LEU A 172 5.72 -1.57 12.68
CA LEU A 172 4.62 -0.88 13.32
C LEU A 172 5.07 -0.38 14.70
N ARG A 173 4.79 0.86 14.99
CA ARG A 173 4.89 1.40 16.32
C ARG A 173 3.82 0.78 17.20
N LEU A 174 4.16 0.52 18.45
CA LEU A 174 3.24 0.01 19.45
C LEU A 174 2.97 1.06 20.51
N LYS A 175 1.74 1.09 20.96
CA LYS A 175 1.39 1.92 22.17
CA LYS A 175 1.33 1.89 22.13
C LYS A 175 2.30 1.44 23.29
C LYS A 175 2.27 1.28 23.16
N ASP A 176 3.52 1.81 23.23
CA ASP A 176 4.60 1.02 23.78
C ASP A 176 6.00 1.63 23.80
N GLY A 177 6.49 1.96 22.64
CA GLY A 177 7.86 2.43 22.49
C GLY A 177 8.63 1.55 21.53
N GLY A 178 8.37 0.26 21.60
CA GLY A 178 8.92 -0.67 20.65
C GLY A 178 8.03 -0.85 19.44
N HIS A 179 8.31 -1.94 18.75
CA HIS A 179 7.92 -2.17 17.38
C HIS A 179 7.48 -3.57 17.13
N TYR A 180 6.47 -3.69 16.27
CA TYR A 180 5.90 -4.97 15.82
C TYR A 180 6.17 -5.14 14.35
N ASP A 181 6.87 -6.20 13.99
CA ASP A 181 7.56 -6.20 12.66
C ASP A 181 7.03 -7.15 11.63
N ALA A 182 7.01 -6.72 10.35
CA ALA A 182 6.62 -7.56 9.21
C ALA A 182 7.74 -7.70 8.18
N GLU A 183 7.79 -8.86 7.56
CA GLU A 183 8.68 -9.08 6.40
C GLU A 183 7.73 -9.07 5.25
N VAL A 184 8.05 -8.30 4.22
CA VAL A 184 7.12 -8.12 3.14
C VAL A 184 7.69 -8.42 1.74
N LYS A 185 6.91 -9.10 0.87
CA LYS A 185 7.36 -9.34 -0.52
C LYS A 185 6.23 -9.04 -1.47
N THR A 186 6.49 -8.29 -2.56
CA THR A 186 5.43 -7.91 -3.46
CA THR A 186 5.43 -7.96 -3.49
C THR A 186 5.99 -8.13 -4.87
N THR A 187 5.15 -8.64 -5.73
CA THR A 187 5.43 -8.72 -7.15
C THR A 187 4.49 -7.78 -7.88
N TYR A 188 5.03 -6.85 -8.66
CA TYR A 188 4.26 -5.82 -9.36
C TYR A 188 4.42 -6.17 -10.83
N MET A 189 3.34 -6.29 -11.58
CA MET A 189 3.56 -6.72 -12.91
C MET A 189 2.70 -5.85 -13.83
N ALA A 190 3.31 -5.11 -14.75
CA ALA A 190 2.54 -4.32 -15.72
C ALA A 190 1.76 -5.20 -16.70
N LYS A 191 0.61 -4.72 -17.14
CA LYS A 191 -0.22 -5.48 -18.04
C LYS A 191 0.38 -5.61 -19.46
N LYS A 192 1.31 -4.72 -19.84
CA LYS A 192 2.13 -4.92 -21.03
C LYS A 192 3.57 -4.83 -20.61
N PRO A 193 4.49 -5.29 -21.46
CA PRO A 193 5.93 -5.46 -20.98
C PRO A 193 6.70 -4.07 -21.10
N VAL A 194 6.44 -3.06 -20.29
CA VAL A 194 7.17 -1.82 -20.39
C VAL A 194 8.52 -1.95 -19.71
N GLN A 195 9.37 -0.95 -19.92
CA GLN A 195 10.79 -1.11 -19.49
C GLN A 195 10.71 -1.38 -18.09
N LEU A 196 11.50 -2.39 -17.64
CA LEU A 196 11.68 -2.66 -16.28
C LEU A 196 12.98 -1.88 -15.88
N PRO A 197 13.06 -1.46 -14.62
CA PRO A 197 14.14 -0.64 -14.15
C PRO A 197 15.25 -1.58 -13.69
N GLY A 198 16.47 -1.11 -13.50
CA GLY A 198 17.37 -1.91 -12.72
C GLY A 198 17.04 -1.87 -11.25
N ALA A 199 17.87 -2.42 -10.37
CA ALA A 199 17.41 -2.40 -9.01
C ALA A 199 17.56 -0.98 -8.40
N TYR A 200 16.82 -0.67 -7.35
CA TYR A 200 16.93 0.64 -6.71
C TYR A 200 16.08 0.60 -5.43
N LYS A 201 15.94 1.75 -4.73
CA LYS A 201 15.14 1.86 -3.44
C LYS A 201 13.91 2.82 -3.58
N THR A 202 12.79 2.49 -2.95
CA THR A 202 11.77 3.44 -2.77
C THR A 202 11.60 3.74 -1.31
N ASP A 203 11.77 5.02 -0.96
CA ASP A 203 11.55 5.46 0.43
C ASP A 203 10.09 5.92 0.58
N THR A 204 9.40 5.41 1.62
CA THR A 204 7.95 5.57 1.79
C THR A 204 7.66 5.96 3.21
N LYS A 205 6.87 7.01 3.38
CA LYS A 205 6.35 7.35 4.72
C LYS A 205 4.82 7.45 4.58
N LEU A 206 4.11 6.67 5.39
CA LEU A 206 2.66 6.58 5.31
C LEU A 206 2.11 7.10 6.62
N ASP A 207 1.20 8.06 6.61
CA ASP A 207 0.70 8.63 7.86
C ASP A 207 -0.81 8.53 7.89
N ILE A 208 -1.36 8.15 9.06
CA ILE A 208 -2.76 8.34 9.27
C ILE A 208 -2.88 9.83 9.72
N THR A 209 -3.66 10.64 8.98
CA THR A 209 -3.67 12.10 9.20
C THR A 209 -4.92 12.51 10.01
N SER A 210 -5.96 11.70 9.89
CA SER A 210 -7.23 11.95 10.54
C SER A 210 -7.96 10.62 10.72
N HIS A 211 -8.31 10.29 11.93
CA HIS A 211 -9.08 9.08 12.18
C HIS A 211 -9.89 9.54 13.26
N ASN A 212 -11.13 9.54 12.88
N ASN A 212 -11.12 9.54 13.00
CA ASN A 212 -12.19 10.38 13.40
CA ASN A 212 -11.89 10.19 13.96
C ASN A 212 -13.45 9.69 12.86
C ASN A 212 -12.72 8.98 14.20
N GLU A 213 -14.07 8.88 13.67
N GLU A 213 -13.98 8.96 13.77
CA GLU A 213 -14.89 7.80 13.15
CA GLU A 213 -14.73 7.80 13.30
C GLU A 213 -13.95 6.66 13.16
C GLU A 213 -13.88 6.62 13.12
N ASP A 214 -14.54 5.52 13.28
CA ASP A 214 -14.44 4.70 14.40
C ASP A 214 -13.14 3.84 14.22
N TYR A 215 -12.19 4.58 13.74
CA TYR A 215 -11.42 4.23 12.58
C TYR A 215 -12.38 3.60 11.53
N THR A 216 -13.64 4.06 11.43
CA THR A 216 -14.52 3.83 10.25
C THR A 216 -14.51 4.95 9.14
N ILE A 217 -13.87 6.09 9.44
CA ILE A 217 -13.53 7.08 8.42
C ILE A 217 -12.13 7.45 8.74
N VAL A 218 -11.28 7.41 7.74
CA VAL A 218 -9.89 7.51 7.97
C VAL A 218 -9.31 8.29 6.78
N GLU A 219 -8.28 9.08 7.02
CA GLU A 219 -7.54 9.74 5.92
C GLU A 219 -6.06 9.39 6.07
N GLN A 220 -5.33 9.26 4.94
CA GLN A 220 -3.97 8.85 4.91
C GLN A 220 -3.25 9.83 4.04
N TYR A 221 -1.95 9.96 4.31
CA TYR A 221 -1.05 10.72 3.46
C TYR A 221 0.11 9.81 3.22
N GLU A 222 0.64 9.79 2.00
CA GLU A 222 1.83 9.01 1.73
C GLU A 222 2.83 9.71 0.85
N ARG A 223 4.11 9.63 1.21
CA ARG A 223 5.15 10.13 0.33
C ARG A 223 6.04 9.01 -0.15
N ASN A 224 6.28 8.92 -1.46
CA ASN A 224 7.18 7.84 -1.96
C ASN A 224 8.24 8.45 -2.86
N GLU A 225 9.50 8.10 -2.68
CA GLU A 225 10.49 8.49 -3.65
C GLU A 225 11.54 7.42 -3.99
N GLY A 226 11.62 7.23 -5.31
CA GLY A 226 12.59 6.39 -5.94
C GLY A 226 13.92 7.04 -5.92
N ARG A 227 14.92 6.22 -5.60
CA ARG A 227 16.38 6.66 -5.63
C ARG A 227 17.37 5.56 -6.01
N HIS A 228 18.47 5.95 -6.60
CA HIS A 228 19.49 5.01 -6.78
C HIS A 228 20.02 4.76 -5.41
N SER A 229 20.48 3.58 -5.30
CA SER A 229 21.12 2.89 -4.20
C SER A 229 22.65 2.96 -4.22
N THR A 230 23.25 2.58 -3.16
CA THR A 230 24.64 2.86 -2.97
C THR A 230 25.48 1.65 -3.37
N GLY A 231 25.24 0.55 -2.75
CA GLY A 231 24.53 0.52 -1.53
C GLY A 231 23.78 -0.73 -1.44
N ALA A 232 22.77 -0.52 -0.63
CA ALA A 232 21.37 -0.81 -0.90
C ALA A 232 20.57 0.50 -0.70
#